data_4YKA
#
_entry.id   4YKA
#
_cell.length_a   57.945
_cell.length_b   92.648
_cell.length_c   94.918
_cell.angle_alpha   90.00
_cell.angle_beta   90.00
_cell.angle_gamma   90.00
#
_symmetry.space_group_name_H-M   'P 21 21 21'
#
loop_
_entity.id
_entity.type
_entity.pdbx_description
1 polymer 'ATP-dependent Clp protease adapter protein ClpS 2'
2 non-polymer 'SULFATE ION'
3 non-polymer L-TYROSINAMIDE
4 water water
#
_entity_poly.entity_id   1
_entity_poly.type   'polypeptide(L)'
_entity_poly.pdbx_seq_one_letter_code
;MSDSPVDLKPKPKVKPKLERPKLYKVMLLNDDYTPREFVTVVLKAVFRMSEDTGRRVMMTAHRFGSAVVVVCERDIAETK
AKEATDLGKEAGFPLMFTTEPEE
;
_entity_poly.pdbx_strand_id   A,B,C,D
#
loop_
_chem_comp.id
_chem_comp.type
_chem_comp.name
_chem_comp.formula
SO4 non-polymer 'SULFATE ION' 'O4 S -2'
#
# COMPACT_ATOMS: atom_id res chain seq x y z
N ARG A 20 10.85 13.53 29.17
CA ARG A 20 11.15 14.13 27.88
C ARG A 20 10.06 13.78 26.85
N PRO A 21 9.18 14.75 26.51
CA PRO A 21 8.11 14.45 25.57
C PRO A 21 8.63 14.11 24.17
N LYS A 22 8.00 13.15 23.51
CA LYS A 22 8.35 12.80 22.15
C LYS A 22 7.71 13.81 21.20
N LEU A 23 8.41 14.18 20.14
CA LEU A 23 7.88 15.11 19.15
C LEU A 23 7.22 14.36 18.00
N TYR A 24 6.21 14.98 17.40
CA TYR A 24 5.43 14.35 16.35
C TYR A 24 5.40 15.18 15.07
N LYS A 25 5.70 14.51 13.96
CA LYS A 25 5.61 15.13 12.63
C LYS A 25 4.16 15.25 12.19
N VAL A 26 3.74 16.43 11.78
CA VAL A 26 2.47 16.58 11.08
C VAL A 26 2.73 16.39 9.59
N MET A 27 2.08 15.39 9.00
CA MET A 27 2.29 15.05 7.60
C MET A 27 1.12 15.50 6.74
N LEU A 28 1.43 16.23 5.66
CA LEU A 28 0.45 16.52 4.62
C LEU A 28 0.52 15.40 3.58
N LEU A 29 -0.59 14.72 3.36
CA LEU A 29 -0.65 13.64 2.36
C LEU A 29 -1.23 14.14 1.06
N ASN A 30 -1.02 13.37 -0.01
CA ASN A 30 -1.52 13.74 -1.33
C ASN A 30 -2.82 13.04 -1.69
N ASP A 31 -3.60 13.69 -2.54
CA ASP A 31 -4.78 13.07 -3.14
C ASP A 31 -5.03 13.73 -4.49
N ASP A 32 -5.89 13.13 -5.31
CA ASP A 32 -6.12 13.61 -6.67
C ASP A 32 -7.24 14.66 -6.75
N TYR A 33 -7.91 14.90 -5.63
CA TYR A 33 -9.15 15.67 -5.64
C TYR A 33 -9.03 17.08 -5.08
N THR A 34 -8.40 17.23 -3.91
CA THR A 34 -8.28 18.53 -3.27
C THR A 34 -7.56 19.53 -4.18
N PRO A 35 -8.16 20.70 -4.41
CA PRO A 35 -7.50 21.72 -5.26
C PRO A 35 -6.18 22.20 -4.68
N ARG A 36 -5.19 22.39 -5.56
CA ARG A 36 -3.84 22.76 -5.13
C ARG A 36 -3.84 24.02 -4.29
N GLU A 37 -4.67 24.99 -4.67
CA GLU A 37 -4.66 26.28 -4.00
C GLU A 37 -5.39 26.23 -2.66
N PHE A 38 -6.35 25.31 -2.54
CA PHE A 38 -7.05 25.14 -1.27
C PHE A 38 -6.08 24.60 -0.21
N VAL A 39 -5.27 23.62 -0.60
CA VAL A 39 -4.26 23.07 0.30
C VAL A 39 -3.34 24.18 0.78
N THR A 40 -3.03 25.11 -0.12
CA THR A 40 -2.15 26.21 0.19
C THR A 40 -2.74 27.11 1.29
N VAL A 41 -3.97 27.55 1.09
CA VAL A 41 -4.58 28.49 2.03
C VAL A 41 -4.87 27.82 3.38
N VAL A 42 -5.05 26.50 3.36
CA VAL A 42 -5.14 25.74 4.61
C VAL A 42 -3.82 25.80 5.35
N LEU A 43 -2.72 25.63 4.62
CA LEU A 43 -1.40 25.66 5.23
C LEU A 43 -1.09 27.03 5.81
N LYS A 44 -1.56 28.08 5.15
CA LYS A 44 -1.39 29.43 5.66
C LYS A 44 -2.17 29.64 6.95
N ALA A 45 -3.45 29.26 6.92
CA ALA A 45 -4.37 29.53 8.01
C ALA A 45 -4.05 28.76 9.28
N VAL A 46 -3.69 27.48 9.13
CA VAL A 46 -3.51 26.59 10.26
C VAL A 46 -2.06 26.56 10.75
N PHE A 47 -1.11 26.70 9.84
CA PHE A 47 0.31 26.56 10.17
C PHE A 47 1.10 27.84 9.96
N ARG A 48 0.39 28.93 9.67
CA ARG A 48 0.99 30.26 9.59
C ARG A 48 2.10 30.36 8.54
N MET A 49 1.93 29.64 7.44
CA MET A 49 2.87 29.73 6.33
C MET A 49 2.51 30.87 5.40
N SER A 50 3.51 31.39 4.69
CA SER A 50 3.29 32.41 3.67
C SER A 50 2.72 31.76 2.42
N GLU A 51 2.35 32.58 1.45
CA GLU A 51 1.88 32.06 0.17
C GLU A 51 2.95 31.21 -0.48
N ASP A 52 4.20 31.68 -0.43
CA ASP A 52 5.31 30.98 -1.09
C ASP A 52 5.60 29.63 -0.46
N THR A 53 5.80 29.62 0.86
CA THR A 53 6.10 28.38 1.57
C THR A 53 4.95 27.39 1.42
N GLY A 54 3.73 27.90 1.48
CA GLY A 54 2.54 27.09 1.31
C GLY A 54 2.55 26.34 -0.01
N ARG A 55 2.88 27.03 -1.10
CA ARG A 55 2.95 26.39 -2.42
C ARG A 55 4.03 25.32 -2.45
N ARG A 56 5.18 25.63 -1.86
CA ARG A 56 6.32 24.71 -1.91
C ARG A 56 6.03 23.41 -1.14
N VAL A 57 5.49 23.53 0.07
CA VAL A 57 5.12 22.35 0.85
C VAL A 57 4.02 21.58 0.16
N MET A 58 3.02 22.31 -0.34
CA MET A 58 1.89 21.70 -1.03
C MET A 58 2.36 20.90 -2.24
N MET A 59 3.31 21.44 -2.98
CA MET A 59 3.84 20.77 -4.17
C MET A 59 4.73 19.59 -3.78
N THR A 60 5.36 19.69 -2.62
CA THR A 60 6.21 18.60 -2.13
C THR A 60 5.37 17.35 -1.91
N ALA A 61 4.18 17.52 -1.35
CA ALA A 61 3.26 16.41 -1.15
C ALA A 61 2.69 15.97 -2.49
N HIS A 62 2.41 16.95 -3.35
CA HIS A 62 1.80 16.69 -4.65
C HIS A 62 2.60 15.69 -5.49
N ARG A 63 3.92 15.77 -5.40
CA ARG A 63 4.80 14.95 -6.24
C ARG A 63 5.26 13.67 -5.54
N PHE A 64 5.65 13.78 -4.28
CA PHE A 64 6.28 12.67 -3.57
C PHE A 64 5.32 11.91 -2.66
N GLY A 65 4.05 12.33 -2.64
CA GLY A 65 3.02 11.62 -1.93
C GLY A 65 2.75 12.17 -0.54
N SER A 66 3.77 12.75 0.09
CA SER A 66 3.60 13.35 1.41
C SER A 66 4.63 14.46 1.63
N ALA A 67 4.48 15.16 2.75
CA ALA A 67 5.39 16.24 3.11
C ALA A 67 5.26 16.58 4.59
N VAL A 68 6.39 16.88 5.23
CA VAL A 68 6.38 17.29 6.62
C VAL A 68 5.98 18.75 6.70
N VAL A 69 4.88 19.03 7.41
CA VAL A 69 4.42 20.40 7.61
C VAL A 69 5.12 21.02 8.80
N VAL A 70 5.11 20.30 9.92
CA VAL A 70 5.67 20.81 11.16
C VAL A 70 5.93 19.64 12.12
N VAL A 71 6.82 19.85 13.08
CA VAL A 71 7.07 18.86 14.11
C VAL A 71 6.98 19.50 15.48
N CYS A 72 6.08 19.00 16.31
CA CYS A 72 5.79 19.59 17.61
C CYS A 72 5.29 18.55 18.59
N GLU A 73 4.93 18.99 19.78
CA GLU A 73 4.41 18.08 20.80
C GLU A 73 3.16 17.39 20.30
N ARG A 74 2.97 16.16 20.75
CA ARG A 74 1.93 15.27 20.21
C ARG A 74 0.55 15.91 20.20
N ASP A 75 0.10 16.38 21.37
CA ASP A 75 -1.26 16.91 21.50
C ASP A 75 -1.50 18.08 20.54
N ILE A 76 -0.47 18.90 20.32
CA ILE A 76 -0.57 20.02 19.41
C ILE A 76 -0.58 19.53 17.97
N ALA A 77 0.25 18.53 17.69
CA ALA A 77 0.31 17.96 16.35
C ALA A 77 -1.02 17.36 15.96
N GLU A 78 -1.66 16.69 16.92
CA GLU A 78 -2.96 16.06 16.69
C GLU A 78 -4.04 17.10 16.45
N THR A 79 -4.01 18.17 17.24
CA THR A 79 -4.98 19.24 17.11
C THR A 79 -4.91 19.90 15.74
N LYS A 80 -3.71 20.27 15.32
CA LYS A 80 -3.51 20.98 14.06
C LYS A 80 -3.78 20.07 12.87
N ALA A 81 -3.46 18.79 13.00
CA ALA A 81 -3.74 17.82 11.96
C ALA A 81 -5.26 17.68 11.77
N LYS A 82 -6.00 17.64 12.87
CA LYS A 82 -7.45 17.52 12.81
C LYS A 82 -8.09 18.76 12.21
N GLU A 83 -7.71 19.94 12.70
CA GLU A 83 -8.25 21.20 12.18
C GLU A 83 -8.06 21.32 10.67
N ALA A 84 -6.83 21.08 10.22
CA ALA A 84 -6.48 21.20 8.81
C ALA A 84 -7.24 20.18 7.97
N THR A 85 -7.44 18.99 8.54
CA THR A 85 -8.17 17.93 7.84
C THR A 85 -9.66 18.25 7.79
N ASP A 86 -10.19 18.83 8.86
CA ASP A 86 -11.61 19.15 8.92
C ASP A 86 -11.97 20.23 7.90
N LEU A 87 -11.03 21.12 7.61
CA LEU A 87 -11.25 22.15 6.60
C LEU A 87 -11.53 21.53 5.25
N GLY A 88 -10.72 20.55 4.87
CA GLY A 88 -10.92 19.85 3.62
C GLY A 88 -12.15 18.97 3.68
N LYS A 89 -12.31 18.27 4.81
CA LYS A 89 -13.41 17.34 5.00
C LYS A 89 -14.76 18.01 4.81
N GLU A 90 -15.02 19.08 5.53
CA GLU A 90 -16.30 19.77 5.45
C GLU A 90 -16.49 20.50 4.13
N ALA A 91 -15.42 20.57 3.34
CA ALA A 91 -15.49 21.15 1.99
C ALA A 91 -15.74 20.07 0.95
N GLY A 92 -15.88 18.83 1.40
CA GLY A 92 -16.12 17.71 0.50
C GLY A 92 -14.84 17.23 -0.16
N PHE A 93 -13.72 17.45 0.52
CA PHE A 93 -12.42 17.03 0.00
C PHE A 93 -11.83 15.92 0.84
N PRO A 94 -10.98 15.08 0.24
CA PRO A 94 -10.30 14.02 0.99
C PRO A 94 -8.99 14.50 1.63
N LEU A 95 -8.77 15.81 1.68
CA LEU A 95 -7.55 16.36 2.24
C LEU A 95 -7.30 15.81 3.64
N MET A 96 -6.09 15.31 3.85
CA MET A 96 -5.76 14.56 5.05
C MET A 96 -4.41 14.97 5.63
N PHE A 97 -4.43 15.43 6.89
CA PHE A 97 -3.21 15.65 7.65
C PHE A 97 -3.11 14.60 8.74
N THR A 98 -1.96 13.95 8.82
CA THR A 98 -1.73 12.91 9.82
C THR A 98 -0.60 13.30 10.75
N THR A 99 -0.49 12.59 11.87
CA THR A 99 0.65 12.71 12.75
C THR A 99 1.38 11.38 12.77
N GLU A 100 2.70 11.43 12.87
CA GLU A 100 3.50 10.25 13.12
C GLU A 100 4.71 10.66 13.95
N PRO A 101 5.17 9.77 14.83
CA PRO A 101 6.31 10.11 15.70
C PRO A 101 7.64 10.14 14.97
N GLU A 102 8.67 10.72 15.59
CA GLU A 102 10.02 10.66 15.05
C GLU A 102 10.98 10.08 16.07
N ARG B 20 -6.80 3.97 31.69
CA ARG B 20 -6.26 5.31 31.85
C ARG B 20 -5.40 5.73 30.66
N PRO B 21 -4.52 4.83 30.18
CA PRO B 21 -3.75 5.21 28.99
C PRO B 21 -4.67 5.45 27.81
N LYS B 22 -4.59 6.63 27.21
CA LYS B 22 -5.49 6.99 26.12
C LYS B 22 -5.31 6.03 24.95
N LEU B 23 -6.43 5.60 24.37
CA LEU B 23 -6.42 4.67 23.26
C LEU B 23 -6.47 5.39 21.93
N TYR B 24 -5.87 4.78 20.92
CA TYR B 24 -5.79 5.36 19.59
C TYR B 24 -6.42 4.47 18.54
N LYS B 25 -7.27 5.08 17.72
CA LYS B 25 -7.85 4.41 16.57
C LYS B 25 -6.77 4.25 15.50
N VAL B 26 -6.70 3.06 14.91
CA VAL B 26 -5.94 2.86 13.67
C VAL B 26 -6.89 3.06 12.51
N MET B 27 -6.60 4.06 11.67
CA MET B 27 -7.47 4.39 10.55
C MET B 27 -6.90 3.83 9.25
N LEU B 28 -7.77 3.24 8.45
CA LEU B 28 -7.46 2.86 7.09
C LEU B 28 -7.94 3.95 6.15
N LEU B 29 -7.04 4.54 5.37
CA LEU B 29 -7.38 5.60 4.43
C LEU B 29 -7.54 5.08 3.01
N ASN B 30 -8.52 5.63 2.28
CA ASN B 30 -8.78 5.19 0.92
C ASN B 30 -7.85 5.86 -0.09
N ASP B 31 -7.63 5.18 -1.21
CA ASP B 31 -6.94 5.76 -2.36
C ASP B 31 -7.42 5.05 -3.63
N ASP B 32 -7.10 5.63 -4.79
CA ASP B 32 -7.62 5.12 -6.06
C ASP B 32 -6.67 4.15 -6.77
N TYR B 33 -5.59 3.76 -6.10
CA TYR B 33 -4.52 3.03 -6.79
C TYR B 33 -4.16 1.69 -6.17
N THR B 34 -4.16 1.60 -4.84
CA THR B 34 -3.85 0.32 -4.20
C THR B 34 -4.94 -0.71 -4.47
N PRO B 35 -4.59 -1.87 -5.07
CA PRO B 35 -5.58 -2.91 -5.34
C PRO B 35 -6.39 -3.33 -4.12
N ARG B 36 -7.68 -3.56 -4.31
CA ARG B 36 -8.58 -3.92 -3.21
C ARG B 36 -8.10 -5.15 -2.45
N GLU B 37 -7.73 -6.20 -3.19
CA GLU B 37 -7.35 -7.46 -2.57
C GLU B 37 -6.03 -7.34 -1.81
N PHE B 38 -5.18 -6.40 -2.24
CA PHE B 38 -3.94 -6.16 -1.52
C PHE B 38 -4.26 -5.60 -0.14
N VAL B 39 -5.17 -4.64 -0.09
CA VAL B 39 -5.61 -4.06 1.18
C VAL B 39 -6.13 -5.17 2.09
N THR B 40 -6.87 -6.10 1.52
CA THR B 40 -7.48 -7.18 2.30
C THR B 40 -6.40 -8.06 2.94
N VAL B 41 -5.45 -8.52 2.15
CA VAL B 41 -4.43 -9.42 2.66
C VAL B 41 -3.49 -8.71 3.63
N VAL B 42 -3.35 -7.39 3.47
CA VAL B 42 -2.60 -6.59 4.43
C VAL B 42 -3.35 -6.58 5.75
N LEU B 43 -4.66 -6.41 5.69
CA LEU B 43 -5.49 -6.41 6.90
C LEU B 43 -5.42 -7.76 7.59
N LYS B 44 -5.46 -8.84 6.81
CA LYS B 44 -5.33 -10.18 7.36
C LYS B 44 -3.99 -10.37 8.06
N ALA B 45 -2.93 -9.90 7.43
CA ALA B 45 -1.57 -10.12 7.92
C ALA B 45 -1.27 -9.32 9.19
N VAL B 46 -1.53 -8.02 9.14
CA VAL B 46 -1.17 -7.14 10.24
C VAL B 46 -2.20 -7.15 11.37
N PHE B 47 -3.47 -7.33 11.02
CA PHE B 47 -4.55 -7.19 11.99
C PHE B 47 -5.35 -8.48 12.20
N ARG B 48 -4.83 -9.58 11.64
CA ARG B 48 -5.39 -10.92 11.90
C ARG B 48 -6.88 -11.03 11.57
N MET B 49 -7.31 -10.30 10.55
CA MET B 49 -8.69 -10.40 10.10
C MET B 49 -8.83 -11.60 9.18
N SER B 50 -10.06 -12.07 9.01
CA SER B 50 -10.35 -13.13 8.04
C SER B 50 -10.53 -12.48 6.68
N GLU B 51 -10.67 -13.30 5.64
CA GLU B 51 -10.90 -12.78 4.31
C GLU B 51 -12.18 -11.95 4.28
N ASP B 52 -13.25 -12.53 4.81
CA ASP B 52 -14.54 -11.85 4.86
C ASP B 52 -14.46 -10.54 5.63
N THR B 53 -13.94 -10.62 6.86
CA THR B 53 -13.81 -9.46 7.74
C THR B 53 -12.95 -8.37 7.11
N GLY B 54 -11.75 -8.75 6.65
CA GLY B 54 -10.83 -7.81 6.04
C GLY B 54 -11.46 -7.09 4.87
N ARG B 55 -12.11 -7.87 4.00
CA ARG B 55 -12.76 -7.31 2.82
C ARG B 55 -13.81 -6.26 3.19
N ARG B 56 -14.63 -6.58 4.19
CA ARG B 56 -15.66 -5.66 4.65
C ARG B 56 -15.06 -4.33 5.12
N VAL B 57 -13.96 -4.41 5.86
CA VAL B 57 -13.27 -3.20 6.32
C VAL B 57 -12.72 -2.44 5.12
N MET B 58 -12.07 -3.16 4.22
CA MET B 58 -11.51 -2.58 3.01
C MET B 58 -12.61 -1.88 2.22
N MET B 59 -13.79 -2.49 2.20
CA MET B 59 -14.92 -1.94 1.46
C MET B 59 -15.54 -0.75 2.19
N THR B 60 -15.36 -0.70 3.50
CA THR B 60 -15.88 0.42 4.28
C THR B 60 -15.06 1.67 3.99
N ALA B 61 -13.74 1.51 3.90
CA ALA B 61 -12.87 2.62 3.57
C ALA B 61 -13.07 3.01 2.11
N HIS B 62 -13.24 1.99 1.27
CA HIS B 62 -13.48 2.18 -0.15
C HIS B 62 -14.67 3.10 -0.43
N ARG B 63 -15.64 3.10 0.48
CA ARG B 63 -16.88 3.85 0.29
C ARG B 63 -16.88 5.18 1.04
N PHE B 64 -16.64 5.13 2.35
CA PHE B 64 -16.80 6.30 3.19
C PHE B 64 -15.55 7.18 3.28
N GLY B 65 -14.45 6.72 2.67
CA GLY B 65 -13.21 7.47 2.67
C GLY B 65 -12.18 6.90 3.62
N SER B 66 -12.64 6.39 4.77
CA SER B 66 -11.77 5.75 5.73
C SER B 66 -12.54 4.74 6.57
N ALA B 67 -11.82 3.99 7.40
CA ALA B 67 -12.45 2.99 8.25
C ALA B 67 -11.59 2.69 9.48
N VAL B 68 -12.26 2.50 10.61
CA VAL B 68 -11.57 2.14 11.85
C VAL B 68 -11.21 0.65 11.83
N VAL B 69 -9.91 0.37 11.75
CA VAL B 69 -9.43 -1.00 11.73
C VAL B 69 -9.41 -1.58 13.14
N VAL B 70 -8.72 -0.89 14.04
CA VAL B 70 -8.62 -1.30 15.44
C VAL B 70 -8.43 -0.08 16.33
N VAL B 71 -8.70 -0.24 17.63
CA VAL B 71 -8.41 0.79 18.62
C VAL B 71 -7.62 0.18 19.76
N CYS B 72 -6.44 0.73 20.03
CA CYS B 72 -5.53 0.14 21.02
C CYS B 72 -4.54 1.14 21.60
N GLU B 73 -3.64 0.64 22.44
CA GLU B 73 -2.57 1.44 23.01
C GLU B 73 -1.86 2.23 21.92
N ARG B 74 -1.49 3.48 22.23
CA ARG B 74 -0.85 4.36 21.26
C ARG B 74 0.37 3.71 20.61
N ASP B 75 1.24 3.14 21.44
CA ASP B 75 2.48 2.57 20.94
C ASP B 75 2.20 1.42 19.97
N ILE B 76 1.23 0.57 20.30
CA ILE B 76 0.86 -0.53 19.42
C ILE B 76 0.20 -0.02 18.16
N ALA B 77 -0.67 0.97 18.31
CA ALA B 77 -1.40 1.54 17.20
C ALA B 77 -0.46 2.11 16.14
N GLU B 78 0.57 2.79 16.60
CA GLU B 78 1.55 3.39 15.71
C GLU B 78 2.37 2.34 14.98
N THR B 79 2.77 1.31 15.70
CA THR B 79 3.58 0.24 15.13
C THR B 79 2.82 -0.49 14.03
N LYS B 80 1.56 -0.84 14.30
CA LYS B 80 0.75 -1.56 13.33
C LYS B 80 0.41 -0.68 12.13
N ALA B 81 0.15 0.59 12.39
CA ALA B 81 -0.08 1.55 11.32
C ALA B 81 1.11 1.58 10.36
N LYS B 82 2.31 1.73 10.92
CA LYS B 82 3.53 1.82 10.12
C LYS B 82 3.79 0.53 9.35
N GLU B 83 3.65 -0.62 10.03
CA GLU B 83 3.91 -1.91 9.40
C GLU B 83 3.03 -2.12 8.19
N ALA B 84 1.74 -1.82 8.35
CA ALA B 84 0.78 -2.00 7.26
C ALA B 84 1.05 -1.01 6.14
N THR B 85 1.46 0.21 6.50
CA THR B 85 1.75 1.23 5.50
C THR B 85 3.01 0.86 4.72
N ASP B 86 4.03 0.38 5.42
CA ASP B 86 5.29 -0.03 4.78
C ASP B 86 5.03 -1.08 3.72
N LEU B 87 4.08 -1.97 3.97
CA LEU B 87 3.73 -3.02 3.02
C LEU B 87 3.26 -2.41 1.71
N GLY B 88 2.42 -1.39 1.80
CA GLY B 88 1.93 -0.70 0.62
C GLY B 88 3.03 0.13 -0.01
N LYS B 89 3.72 0.90 0.82
CA LYS B 89 4.77 1.80 0.37
C LYS B 89 5.84 1.08 -0.45
N GLU B 90 6.31 -0.06 0.06
CA GLU B 90 7.39 -0.79 -0.60
C GLU B 90 6.88 -1.62 -1.77
N ALA B 91 5.58 -1.52 -2.04
CA ALA B 91 4.97 -2.17 -3.20
C ALA B 91 4.62 -1.13 -4.26
N GLY B 92 4.95 0.13 -4.00
CA GLY B 92 4.71 1.20 -4.94
C GLY B 92 3.34 1.84 -4.83
N PHE B 93 2.54 1.38 -3.88
CA PHE B 93 1.19 1.89 -3.70
C PHE B 93 1.13 2.97 -2.63
N PRO B 94 0.14 3.87 -2.72
CA PRO B 94 -0.02 4.95 -1.73
C PRO B 94 -0.78 4.52 -0.47
N LEU B 95 -1.03 3.22 -0.31
CA LEU B 95 -1.80 2.69 0.82
C LEU B 95 -1.34 3.26 2.16
N MET B 96 -2.27 3.87 2.88
CA MET B 96 -1.94 4.60 4.10
C MET B 96 -2.77 4.14 5.29
N PHE B 97 -2.09 3.84 6.38
CA PHE B 97 -2.72 3.67 7.68
C PHE B 97 -2.24 4.79 8.59
N THR B 98 -3.15 5.30 9.43
CA THR B 98 -2.80 6.38 10.34
C THR B 98 -3.31 6.09 11.74
N THR B 99 -3.05 7.00 12.65
CA THR B 99 -3.57 6.91 14.01
C THR B 99 -4.11 8.25 14.45
N GLU B 100 -5.28 8.22 15.08
CA GLU B 100 -5.83 9.40 15.73
C GLU B 100 -6.41 8.97 17.07
N PRO B 101 -6.35 9.85 18.08
CA PRO B 101 -6.80 9.46 19.41
C PRO B 101 -8.31 9.28 19.48
N GLU B 102 -8.79 8.48 20.42
CA GLU B 102 -10.22 8.25 20.59
C GLU B 102 -10.80 9.23 21.60
N ARG C 20 -28.30 -7.16 -11.90
CA ARG C 20 -27.37 -6.26 -12.57
C ARG C 20 -26.04 -6.96 -12.86
N PRO C 21 -25.42 -6.65 -14.02
CA PRO C 21 -24.09 -7.18 -14.33
C PRO C 21 -23.00 -6.28 -13.76
N LYS C 22 -22.01 -6.89 -13.10
CA LYS C 22 -20.95 -6.12 -12.44
C LYS C 22 -19.72 -6.02 -13.33
N LEU C 23 -19.33 -4.78 -13.63
CA LEU C 23 -18.15 -4.53 -14.44
C LEU C 23 -16.89 -4.68 -13.61
N TYR C 24 -15.83 -5.18 -14.23
CA TYR C 24 -14.53 -5.33 -13.60
C TYR C 24 -13.50 -4.39 -14.21
N LYS C 25 -12.65 -3.83 -13.36
CA LYS C 25 -11.56 -3.00 -13.82
C LYS C 25 -10.35 -3.86 -14.17
N VAL C 26 -9.58 -3.43 -15.16
CA VAL C 26 -8.29 -4.02 -15.45
C VAL C 26 -7.22 -3.04 -15.02
N MET C 27 -6.46 -3.42 -13.99
CA MET C 27 -5.42 -2.55 -13.44
C MET C 27 -4.04 -2.92 -13.93
N LEU C 28 -3.34 -1.93 -14.45
CA LEU C 28 -1.93 -2.05 -14.76
C LEU C 28 -1.13 -1.83 -13.47
N LEU C 29 -0.24 -2.76 -13.14
CA LEU C 29 0.63 -2.61 -11.98
C LEU C 29 2.03 -2.22 -12.41
N ASN C 30 2.63 -1.31 -11.66
CA ASN C 30 3.98 -0.84 -11.93
C ASN C 30 5.04 -1.83 -11.46
N ASP C 31 6.20 -1.77 -12.10
CA ASP C 31 7.39 -2.43 -11.61
C ASP C 31 8.59 -1.62 -12.10
N ASP C 32 9.78 -1.95 -11.61
CA ASP C 32 10.98 -1.18 -11.93
C ASP C 32 11.86 -1.90 -12.93
N TYR C 33 11.26 -2.76 -13.75
CA TYR C 33 12.01 -3.64 -14.65
C TYR C 33 11.51 -3.58 -16.10
N THR C 34 10.20 -3.70 -16.28
CA THR C 34 9.63 -3.71 -17.63
C THR C 34 9.93 -2.41 -18.36
N PRO C 35 10.49 -2.51 -19.59
CA PRO C 35 10.75 -1.29 -20.37
C PRO C 35 9.48 -0.46 -20.58
N ARG C 36 9.58 0.85 -20.37
CA ARG C 36 8.46 1.77 -20.54
C ARG C 36 7.75 1.54 -21.87
N GLU C 37 8.53 1.46 -22.94
CA GLU C 37 7.97 1.38 -24.28
C GLU C 37 7.31 0.03 -24.55
N PHE C 38 7.73 -1.01 -23.83
CA PHE C 38 7.14 -2.33 -24.00
C PHE C 38 5.72 -2.30 -23.46
N VAL C 39 5.52 -1.62 -22.35
CA VAL C 39 4.19 -1.50 -21.76
C VAL C 39 3.27 -0.75 -22.70
N THR C 40 3.79 0.28 -23.37
CA THR C 40 2.99 1.05 -24.32
C THR C 40 2.46 0.17 -25.45
N VAL C 41 3.35 -0.58 -26.09
CA VAL C 41 2.97 -1.40 -27.23
C VAL C 41 2.03 -2.55 -26.83
N VAL C 42 2.14 -3.01 -25.58
CA VAL C 42 1.23 -4.04 -25.08
C VAL C 42 -0.15 -3.45 -24.88
N LEU C 43 -0.20 -2.20 -24.41
CA LEU C 43 -1.47 -1.50 -24.24
C LEU C 43 -2.16 -1.28 -25.59
N LYS C 44 -1.37 -0.98 -26.62
CA LYS C 44 -1.90 -0.78 -27.96
C LYS C 44 -2.46 -2.09 -28.52
N ALA C 45 -1.68 -3.16 -28.39
CA ALA C 45 -2.07 -4.47 -28.90
C ALA C 45 -3.35 -4.99 -28.23
N VAL C 46 -3.32 -5.08 -26.90
CA VAL C 46 -4.40 -5.73 -26.17
C VAL C 46 -5.61 -4.83 -25.96
N PHE C 47 -5.36 -3.55 -25.71
CA PHE C 47 -6.42 -2.63 -25.32
C PHE C 47 -6.70 -1.55 -26.36
N ARG C 48 -6.06 -1.67 -27.53
CA ARG C 48 -6.33 -0.80 -28.67
C ARG C 48 -6.04 0.67 -28.39
N MET C 49 -5.19 0.94 -27.41
CA MET C 49 -4.87 2.31 -27.06
C MET C 49 -3.97 2.95 -28.11
N SER C 50 -3.93 4.28 -28.10
CA SER C 50 -3.03 5.02 -28.97
C SER C 50 -1.67 5.13 -28.28
N GLU C 51 -0.65 5.46 -29.07
CA GLU C 51 0.70 5.63 -28.54
C GLU C 51 0.70 6.65 -27.41
N ASP C 52 0.09 7.81 -27.67
CA ASP C 52 0.06 8.89 -26.70
C ASP C 52 -0.76 8.53 -25.47
N THR C 53 -1.89 7.86 -25.68
CA THR C 53 -2.76 7.47 -24.57
C THR C 53 -2.09 6.38 -23.73
N GLY C 54 -1.60 5.35 -24.40
CA GLY C 54 -0.91 4.26 -23.73
C GLY C 54 0.23 4.78 -22.88
N ARG C 55 0.93 5.78 -23.40
CA ARG C 55 2.03 6.39 -22.69
C ARG C 55 1.55 7.05 -21.40
N ARG C 56 0.42 7.74 -21.48
CA ARG C 56 -0.12 8.46 -20.33
C ARG C 56 -0.60 7.52 -19.24
N VAL C 57 -1.28 6.44 -19.63
CA VAL C 57 -1.71 5.41 -18.69
C VAL C 57 -0.49 4.74 -18.08
N MET C 58 0.45 4.39 -18.95
CA MET C 58 1.67 3.72 -18.54
C MET C 58 2.47 4.58 -17.58
N MET C 59 2.37 5.89 -17.73
CA MET C 59 3.07 6.82 -16.86
C MET C 59 2.31 7.03 -15.56
N THR C 60 0.99 6.82 -15.59
CA THR C 60 0.17 6.94 -14.39
C THR C 60 0.54 5.86 -13.39
N ALA C 61 0.66 4.63 -13.88
CA ALA C 61 1.09 3.52 -13.04
C ALA C 61 2.53 3.75 -12.61
N HIS C 62 3.35 4.21 -13.55
CA HIS C 62 4.77 4.44 -13.32
C HIS C 62 5.03 5.37 -12.13
N ARG C 63 4.05 6.23 -11.83
CA ARG C 63 4.23 7.28 -10.84
C ARG C 63 3.41 7.08 -9.57
N PHE C 64 2.31 6.33 -9.67
CA PHE C 64 1.37 6.18 -8.55
C PHE C 64 1.14 4.74 -8.14
N GLY C 65 1.81 3.81 -8.82
CA GLY C 65 1.77 2.41 -8.46
C GLY C 65 0.90 1.58 -9.38
N SER C 66 -0.19 2.17 -9.86
CA SER C 66 -1.11 1.45 -10.74
C SER C 66 -1.90 2.41 -11.63
N ALA C 67 -2.62 1.84 -12.59
CA ALA C 67 -3.47 2.61 -13.48
C ALA C 67 -4.60 1.76 -14.02
N VAL C 68 -5.83 2.26 -13.91
CA VAL C 68 -6.98 1.61 -14.53
C VAL C 68 -6.89 1.73 -16.05
N VAL C 69 -6.83 0.59 -16.71
CA VAL C 69 -6.68 0.54 -18.17
C VAL C 69 -8.04 0.57 -18.85
N VAL C 70 -8.98 -0.20 -18.30
CA VAL C 70 -10.32 -0.29 -18.86
C VAL C 70 -11.27 -0.86 -17.81
N VAL C 71 -12.54 -0.51 -17.93
CA VAL C 71 -13.57 -1.12 -17.09
C VAL C 71 -14.58 -1.79 -18.01
N CYS C 72 -14.72 -3.10 -17.87
CA CYS C 72 -15.55 -3.87 -18.78
C CYS C 72 -16.06 -5.14 -18.11
N GLU C 73 -16.79 -5.95 -18.87
CA GLU C 73 -17.33 -7.20 -18.37
C GLU C 73 -16.23 -8.09 -17.83
N ARG C 74 -16.57 -8.88 -16.80
CA ARG C 74 -15.59 -9.68 -16.06
C ARG C 74 -14.75 -10.59 -16.97
N ASP C 75 -15.41 -11.46 -17.73
CA ASP C 75 -14.72 -12.42 -18.56
C ASP C 75 -13.74 -11.76 -19.52
N ILE C 76 -14.13 -10.61 -20.09
CA ILE C 76 -13.27 -9.87 -20.99
C ILE C 76 -12.08 -9.29 -20.24
N ALA C 77 -12.35 -8.72 -19.06
CA ALA C 77 -11.32 -8.11 -18.24
C ALA C 77 -10.25 -9.12 -17.86
N GLU C 78 -10.68 -10.30 -17.42
CA GLU C 78 -9.75 -11.34 -17.00
C GLU C 78 -8.94 -11.85 -18.18
N THR C 79 -9.62 -12.05 -19.31
CA THR C 79 -8.98 -12.53 -20.53
C THR C 79 -7.89 -11.57 -20.99
N LYS C 80 -8.24 -10.30 -21.10
CA LYS C 80 -7.30 -9.28 -21.54
C LYS C 80 -6.15 -9.10 -20.55
N ALA C 81 -6.48 -9.19 -19.26
CA ALA C 81 -5.47 -9.07 -18.21
C ALA C 81 -4.43 -10.17 -18.33
N LYS C 82 -4.90 -11.39 -18.56
CA LYS C 82 -3.99 -12.52 -18.70
C LYS C 82 -3.15 -12.38 -19.96
N GLU C 83 -3.79 -11.97 -21.06
CA GLU C 83 -3.10 -11.83 -22.33
C GLU C 83 -1.98 -10.80 -22.25
N ALA C 84 -2.29 -9.66 -21.65
CA ALA C 84 -1.30 -8.59 -21.50
C ALA C 84 -0.17 -9.03 -20.59
N THR C 85 -0.50 -9.82 -19.56
CA THR C 85 0.49 -10.24 -18.59
C THR C 85 1.42 -11.29 -19.18
N ASP C 86 0.85 -12.20 -19.95
CA ASP C 86 1.62 -13.25 -20.59
C ASP C 86 2.67 -12.69 -21.54
N LEU C 87 2.36 -11.55 -22.16
CA LEU C 87 3.30 -10.91 -23.07
C LEU C 87 4.59 -10.56 -22.35
N GLY C 88 4.48 -9.94 -21.17
CA GLY C 88 5.65 -9.57 -20.39
C GLY C 88 6.31 -10.78 -19.77
N LYS C 89 5.49 -11.72 -19.32
CA LYS C 89 5.97 -12.95 -18.68
C LYS C 89 6.89 -13.73 -19.62
N GLU C 90 6.48 -13.87 -20.88
CA GLU C 90 7.21 -14.67 -21.84
C GLU C 90 8.36 -13.89 -22.46
N ALA C 91 8.38 -12.58 -22.25
CA ALA C 91 9.50 -11.74 -22.68
C ALA C 91 10.56 -11.65 -21.58
N GLY C 92 10.28 -12.27 -20.44
CA GLY C 92 11.18 -12.24 -19.31
C GLY C 92 10.96 -11.03 -18.40
N PHE C 93 9.78 -10.42 -18.50
CA PHE C 93 9.45 -9.24 -17.70
C PHE C 93 8.48 -9.58 -16.58
N PRO C 94 8.50 -8.79 -15.49
CA PRO C 94 7.59 -9.00 -14.36
C PRO C 94 6.28 -8.23 -14.54
N LEU C 95 6.09 -7.64 -15.72
CA LEU C 95 4.87 -6.90 -16.04
C LEU C 95 3.61 -7.65 -15.62
N MET C 96 2.75 -6.97 -14.87
CA MET C 96 1.59 -7.59 -14.26
C MET C 96 0.32 -6.75 -14.40
N PHE C 97 -0.74 -7.37 -14.93
CA PHE C 97 -2.07 -6.78 -14.97
C PHE C 97 -2.98 -7.57 -14.04
N THR C 98 -3.85 -6.87 -13.31
CA THR C 98 -4.79 -7.54 -12.40
C THR C 98 -6.19 -7.03 -12.64
N THR C 99 -7.17 -7.71 -12.08
CA THR C 99 -8.57 -7.35 -12.24
C THR C 99 -9.28 -7.28 -10.90
N GLU C 100 -10.19 -6.32 -10.77
CA GLU C 100 -11.01 -6.17 -9.58
C GLU C 100 -12.35 -5.55 -9.97
N PRO C 101 -13.41 -5.87 -9.22
CA PRO C 101 -14.73 -5.30 -9.50
C PRO C 101 -14.78 -3.78 -9.30
N GLU C 102 -15.56 -3.10 -10.14
CA GLU C 102 -15.70 -1.65 -10.08
C GLU C 102 -16.34 -1.20 -8.77
N GLU C 103 -17.27 -2.02 -8.28
CA GLU C 103 -18.02 -1.83 -7.03
C GLU C 103 -17.64 -0.60 -6.20
N ARG D 20 3.55 -37.78 18.34
CA ARG D 20 4.33 -36.57 18.46
C ARG D 20 3.97 -35.57 17.35
N PRO D 21 3.93 -34.26 17.70
CA PRO D 21 3.68 -33.25 16.65
C PRO D 21 4.91 -32.99 15.79
N LYS D 22 4.69 -32.75 14.51
CA LYS D 22 5.79 -32.49 13.58
C LYS D 22 5.80 -31.02 13.16
N LEU D 23 6.94 -30.36 13.37
CA LEU D 23 7.09 -28.97 12.99
C LEU D 23 7.48 -28.85 11.53
N TYR D 24 7.01 -27.78 10.87
CA TYR D 24 7.29 -27.53 9.47
C TYR D 24 8.15 -26.28 9.30
N LYS D 25 9.19 -26.39 8.47
CA LYS D 25 9.99 -25.22 8.10
C LYS D 25 9.19 -24.32 7.18
N VAL D 26 9.20 -23.02 7.45
CA VAL D 26 8.68 -22.03 6.52
C VAL D 26 9.87 -21.54 5.69
N MET D 27 9.79 -21.77 4.38
CA MET D 27 10.88 -21.45 3.46
C MET D 27 10.58 -20.20 2.64
N LEU D 28 11.54 -19.29 2.60
CA LEU D 28 11.47 -18.12 1.74
C LEU D 28 12.24 -18.36 0.45
N LEU D 29 11.53 -18.53 -0.66
CA LEU D 29 12.18 -18.76 -1.94
C LEU D 29 12.61 -17.45 -2.56
N ASN D 30 13.74 -17.48 -3.26
CA ASN D 30 14.27 -16.28 -3.91
C ASN D 30 13.67 -16.08 -5.29
N ASP D 31 13.62 -14.83 -5.71
CA ASP D 31 13.28 -14.49 -7.09
C ASP D 31 14.06 -13.23 -7.46
N ASP D 32 13.89 -12.77 -8.70
CA ASP D 32 14.72 -11.69 -9.23
C ASP D 32 13.93 -10.39 -9.44
N TYR D 33 12.66 -10.39 -9.04
CA TYR D 33 11.75 -9.30 -9.36
C TYR D 33 11.10 -8.67 -8.13
N THR D 34 11.01 -9.41 -7.03
CA THR D 34 10.46 -8.86 -5.80
C THR D 34 11.44 -7.85 -5.21
N PRO D 35 10.99 -6.62 -4.95
CA PRO D 35 11.89 -5.63 -4.35
C PRO D 35 12.46 -6.12 -3.02
N ARG D 36 13.70 -5.79 -2.74
CA ARG D 36 14.38 -6.31 -1.55
C ARG D 36 13.71 -5.80 -0.28
N GLU D 37 13.43 -4.51 -0.21
CA GLU D 37 12.87 -3.94 1.00
C GLU D 37 11.40 -4.31 1.17
N PHE D 38 10.78 -4.82 0.12
CA PHE D 38 9.42 -5.32 0.25
C PHE D 38 9.44 -6.67 0.97
N VAL D 39 10.44 -7.50 0.64
CA VAL D 39 10.60 -8.78 1.32
C VAL D 39 10.81 -8.54 2.81
N THR D 40 11.60 -7.51 3.13
CA THR D 40 11.93 -7.22 4.52
C THR D 40 10.69 -6.85 5.31
N VAL D 41 9.86 -5.97 4.77
CA VAL D 41 8.67 -5.50 5.48
C VAL D 41 7.60 -6.59 5.56
N VAL D 42 7.61 -7.54 4.64
CA VAL D 42 6.73 -8.70 4.74
C VAL D 42 7.21 -9.58 5.89
N LEU D 43 8.52 -9.71 6.02
CA LEU D 43 9.09 -10.51 7.11
C LEU D 43 8.74 -9.91 8.45
N LYS D 44 8.74 -8.57 8.52
CA LYS D 44 8.44 -7.86 9.75
C LYS D 44 6.96 -7.98 10.12
N ALA D 45 6.10 -7.89 9.11
CA ALA D 45 4.67 -7.87 9.33
C ALA D 45 4.13 -9.23 9.77
N VAL D 46 4.63 -10.29 9.13
CA VAL D 46 4.07 -11.63 9.31
C VAL D 46 4.82 -12.46 10.34
N PHE D 47 6.15 -12.31 10.38
CA PHE D 47 6.99 -13.17 11.22
C PHE D 47 7.62 -12.41 12.40
N ARG D 48 7.08 -11.23 12.69
CA ARG D 48 7.49 -10.44 13.86
C ARG D 48 8.98 -10.13 13.88
N MET D 49 9.65 -10.22 12.73
CA MET D 49 11.07 -9.93 12.67
C MET D 49 11.34 -8.45 12.85
N SER D 50 12.60 -8.13 13.10
CA SER D 50 13.04 -6.75 13.20
C SER D 50 13.53 -6.29 11.84
N GLU D 51 13.79 -5.00 11.70
CA GLU D 51 14.31 -4.46 10.46
C GLU D 51 15.67 -5.08 10.14
N ASP D 52 16.52 -5.17 11.17
CA ASP D 52 17.87 -5.68 10.97
C ASP D 52 17.87 -7.14 10.57
N THR D 53 17.11 -7.97 11.29
CA THR D 53 17.05 -9.39 10.96
C THR D 53 16.35 -9.61 9.63
N GLY D 54 15.29 -8.84 9.38
CA GLY D 54 14.55 -8.95 8.15
C GLY D 54 15.47 -8.90 6.94
N ARG D 55 16.38 -7.93 6.93
CA ARG D 55 17.37 -7.83 5.86
C ARG D 55 18.24 -9.09 5.81
N ARG D 56 18.79 -9.47 6.96
CA ARG D 56 19.68 -10.62 7.03
C ARG D 56 19.02 -11.89 6.50
N VAL D 57 17.77 -12.13 6.92
CA VAL D 57 17.03 -13.30 6.45
C VAL D 57 16.71 -13.16 4.98
N MET D 58 16.40 -11.93 4.57
CA MET D 58 16.09 -11.64 3.17
C MET D 58 17.33 -11.80 2.29
N MET D 59 18.50 -11.45 2.85
CA MET D 59 19.74 -11.51 2.10
C MET D 59 20.25 -12.95 1.95
N THR D 60 19.93 -13.80 2.92
CA THR D 60 20.31 -15.20 2.85
C THR D 60 19.63 -15.87 1.67
N ALA D 61 18.33 -15.63 1.53
CA ALA D 61 17.57 -16.15 0.40
C ALA D 61 18.07 -15.52 -0.89
N HIS D 62 18.29 -14.22 -0.84
CA HIS D 62 18.76 -13.45 -2.00
C HIS D 62 20.01 -14.05 -2.62
N ARG D 63 20.99 -14.35 -1.79
CA ARG D 63 22.28 -14.82 -2.26
C ARG D 63 22.31 -16.32 -2.54
N PHE D 64 21.68 -17.10 -1.66
CA PHE D 64 21.83 -18.56 -1.69
C PHE D 64 20.58 -19.28 -2.17
N GLY D 65 19.59 -18.54 -2.66
CA GLY D 65 18.42 -19.13 -3.29
C GLY D 65 17.25 -19.35 -2.36
N SER D 66 17.52 -19.47 -1.07
CA SER D 66 16.45 -19.68 -0.10
C SER D 66 16.92 -19.42 1.32
N ALA D 67 15.99 -19.41 2.26
CA ALA D 67 16.31 -19.17 3.66
C ALA D 67 15.17 -19.65 4.55
N VAL D 68 15.51 -20.28 5.67
CA VAL D 68 14.52 -20.73 6.63
C VAL D 68 14.05 -19.56 7.47
N VAL D 69 12.75 -19.27 7.40
CA VAL D 69 12.17 -18.15 8.12
C VAL D 69 11.84 -18.55 9.56
N VAL D 70 11.23 -19.72 9.71
CA VAL D 70 10.71 -20.15 11.00
C VAL D 70 10.26 -21.60 10.91
N VAL D 71 10.38 -22.32 12.02
CA VAL D 71 9.90 -23.70 12.11
C VAL D 71 8.84 -23.76 13.21
N CYS D 72 7.66 -24.27 12.87
CA CYS D 72 6.54 -24.26 13.81
C CYS D 72 5.48 -25.27 13.43
N GLU D 73 4.36 -25.25 14.15
CA GLU D 73 3.22 -26.12 13.88
C GLU D 73 2.83 -26.10 12.41
N ARG D 74 2.45 -27.26 11.89
CA ARG D 74 2.01 -27.41 10.51
C ARG D 74 0.97 -26.38 10.14
N ASP D 75 -0.10 -26.33 10.92
CA ASP D 75 -1.20 -25.40 10.70
C ASP D 75 -0.71 -23.95 10.63
N ILE D 76 0.17 -23.58 11.55
CA ILE D 76 0.66 -22.21 11.65
C ILE D 76 1.58 -21.85 10.48
N ALA D 77 2.52 -22.74 10.18
CA ALA D 77 3.49 -22.49 9.11
C ALA D 77 2.79 -22.26 7.77
N GLU D 78 1.75 -23.04 7.51
CA GLU D 78 1.00 -22.93 6.26
C GLU D 78 0.22 -21.64 6.21
N THR D 79 -0.31 -21.21 7.35
CA THR D 79 -1.05 -19.96 7.43
C THR D 79 -0.14 -18.79 7.12
N LYS D 80 1.03 -18.74 7.77
CA LYS D 80 1.94 -17.63 7.61
C LYS D 80 2.62 -17.64 6.25
N ALA D 81 2.85 -18.83 5.71
CA ALA D 81 3.45 -18.96 4.40
C ALA D 81 2.50 -18.41 3.33
N LYS D 82 1.21 -18.68 3.50
CA LYS D 82 0.21 -18.19 2.56
C LYS D 82 0.03 -16.69 2.68
N GLU D 83 -0.06 -16.19 3.91
CA GLU D 83 -0.26 -14.76 4.15
C GLU D 83 0.87 -13.92 3.58
N ALA D 84 2.10 -14.40 3.77
CA ALA D 84 3.27 -13.68 3.28
C ALA D 84 3.35 -13.73 1.76
N THR D 85 2.83 -14.79 1.16
CA THR D 85 2.83 -14.93 -0.29
C THR D 85 1.72 -14.09 -0.92
N ASP D 86 0.55 -14.08 -0.27
CA ASP D 86 -0.57 -13.28 -0.76
C ASP D 86 -0.17 -11.82 -0.83
N LEU D 87 0.67 -11.39 0.11
CA LEU D 87 1.15 -10.02 0.15
C LEU D 87 1.95 -9.69 -1.10
N GLY D 88 2.82 -10.60 -1.50
CA GLY D 88 3.63 -10.41 -2.70
C GLY D 88 2.78 -10.60 -3.94
N LYS D 89 1.95 -11.63 -3.91
CA LYS D 89 1.10 -11.98 -5.04
C LYS D 89 0.19 -10.82 -5.39
N GLU D 90 -0.57 -10.34 -4.42
CA GLU D 90 -1.52 -9.27 -4.65
C GLU D 90 -0.84 -7.94 -4.92
N ALA D 91 0.49 -7.90 -4.79
CA ALA D 91 1.27 -6.71 -5.07
C ALA D 91 1.87 -6.74 -6.47
N GLY D 92 1.68 -7.87 -7.16
CA GLY D 92 2.22 -8.05 -8.50
C GLY D 92 3.65 -8.58 -8.49
N PHE D 93 4.01 -9.25 -7.41
CA PHE D 93 5.34 -9.84 -7.25
C PHE D 93 5.26 -11.37 -7.22
N PRO D 94 6.33 -12.05 -7.67
CA PRO D 94 6.35 -13.50 -7.66
C PRO D 94 6.79 -14.09 -6.33
N LEU D 95 6.98 -13.24 -5.33
CA LEU D 95 7.41 -13.66 -3.99
C LEU D 95 6.68 -14.91 -3.52
N MET D 96 7.46 -15.90 -3.09
CA MET D 96 6.90 -17.21 -2.74
C MET D 96 7.43 -17.71 -1.40
N PHE D 97 6.51 -18.15 -0.54
CA PHE D 97 6.85 -18.87 0.69
C PHE D 97 6.30 -20.29 0.62
N THR D 98 7.12 -21.27 0.99
CA THR D 98 6.68 -22.66 1.01
C THR D 98 6.86 -23.27 2.39
N THR D 99 6.30 -24.47 2.57
CA THR D 99 6.40 -25.20 3.82
C THR D 99 6.83 -26.65 3.58
N GLU D 100 7.66 -27.17 4.46
CA GLU D 100 8.09 -28.57 4.39
C GLU D 100 8.39 -29.11 5.78
N PRO D 101 8.13 -30.42 6.01
CA PRO D 101 8.37 -31.00 7.34
C PRO D 101 9.82 -30.85 7.81
N GLU D 102 10.02 -30.85 9.12
CA GLU D 102 11.36 -30.75 9.70
C GLU D 102 11.90 -32.14 10.02
S SO4 E . 0.60 29.01 16.62
O1 SO4 E . 0.76 27.87 15.72
O2 SO4 E . 1.28 30.17 16.06
O3 SO4 E . -0.83 29.31 16.77
O4 SO4 E . 1.16 28.70 17.92
N TYC F . -2.83 16.62 -6.22
CA TYC F . -3.88 17.54 -5.97
C TYC F . -4.47 17.99 -7.27
O TYC F . -3.91 17.73 -8.31
CB TYC F . -3.34 18.75 -5.23
CG TYC F . -2.87 18.35 -3.85
CD1 TYC F . -3.70 17.75 -2.97
CD2 TYC F . -1.44 18.64 -3.45
CE1 TYC F . -3.20 17.36 -1.61
CE2 TYC F . -0.99 18.29 -2.24
OH TYC F . -1.45 17.26 0.01
CZ TYC F . -1.93 17.61 -1.26
NXT TYC F . -5.69 18.73 -7.28
H0 TYC F . -2.09 16.84 -5.72
H TYC F . -3.09 15.77 -5.99
HA TYC F . -4.57 17.11 -5.42
HB1 TYC F . -4.05 19.42 -5.14
HB2 TYC F . -2.59 19.12 -5.73
HD1 TYC F . -4.62 17.55 -3.23
HD2 TYC F . -0.84 19.07 -4.10
HE1 TYC F . -3.80 16.92 -0.97
HE2 TYC F . -0.07 18.48 -1.98
HH TYC F . -0.91 16.56 -0.06
HT21 TYC F . -6.11 18.93 -6.50
HT22 TYC F . -6.05 19.00 -8.08
H03 TYC F . -2.60 16.64 -7.12
N TYC G . -9.98 2.11 -3.81
CA TYC G . -9.00 1.08 -3.91
C TYC G . -9.11 0.43 -5.28
O TYC G . -8.17 -0.18 -5.74
CB TYC G . -9.24 0.03 -2.85
CG TYC G . -8.92 0.54 -1.47
CD1 TYC G . -7.77 1.22 -1.24
CD2 TYC G . -9.88 0.28 -0.32
CE1 TYC G . -7.45 1.72 0.15
CE2 TYC G . -9.58 0.73 0.92
OH TYC G . -8.00 1.97 2.44
CZ TYC G . -8.31 1.49 1.17
NXT TYC G . -10.31 0.53 -6.03
H0 TYC G . -10.29 2.30 -4.59
H TYC G . -10.61 1.84 -3.30
HA TYC G . -8.12 1.46 -3.81
HB1 TYC G . -8.69 -0.74 -3.05
HB2 TYC G . -10.18 -0.23 -2.87
HD1 TYC G . -7.15 1.39 -1.96
HD2 TYC G . -10.70 -0.21 -0.48
HE1 TYC G . -6.64 2.21 0.32
HE2 TYC G . -10.21 0.56 1.65
HH TYC G . -7.35 2.50 2.39
HT21 TYC G . -10.36 0.16 -6.81
HT22 TYC G . -10.98 0.96 -5.72
H03 TYC G . -9.61 2.81 -3.47
S SO4 H . -11.77 -4.65 -28.05
O1 SO4 H . -11.03 -5.79 -28.56
O2 SO4 H . -12.34 -3.89 -29.17
O3 SO4 H . -10.87 -3.77 -27.29
O4 SO4 H . -12.86 -5.10 -27.18
S SO4 I . -1.19 5.56 -32.87
O1 SO4 I . -2.50 4.92 -32.82
O2 SO4 I . -0.35 4.89 -33.86
O3 SO4 I . -1.34 6.97 -33.22
O4 SO4 I . -0.55 5.46 -31.57
N TYC J . 8.65 1.64 -14.17
CA TYC J . 9.16 0.98 -15.32
C TYC J . 10.54 1.50 -15.65
O TYC J . 11.27 0.87 -16.38
CB TYC J . 8.23 1.21 -16.48
CG TYC J . 6.84 0.69 -16.18
CD1 TYC J . 6.66 -0.58 -15.74
CD2 TYC J . 5.65 1.59 -16.38
CE1 TYC J . 5.27 -1.08 -15.44
CE2 TYC J . 4.41 1.13 -16.12
OH TYC J . 2.92 -0.74 -15.34
CZ TYC J . 4.21 -0.28 -15.61
NXT TYC J . 10.98 2.73 -15.10
H0 TYC J . 8.23 2.35 -14.40
H TYC J . 9.30 1.85 -13.64
HA TYC J . 9.22 0.02 -15.14
HB1 TYC J . 8.18 2.16 -16.66
HB2 TYC J . 8.58 0.75 -17.26
HD1 TYC J . 7.44 -1.16 -15.60
HD2 TYC J . 5.77 2.50 -16.70
HE1 TYC J . 5.15 -1.99 -15.11
HE2 TYC J . 3.64 1.71 -16.25
HH TYC J . 2.96 -1.35 -14.76
HT21 TYC J . 10.46 3.18 -14.58
HT22 TYC J . 11.76 3.03 -15.29
H03 TYC J . 8.11 1.12 -13.75
N TYC K . 16.62 -11.29 -5.09
CA TYC K . 15.72 -10.19 -5.21
C TYC K . 16.45 -9.03 -5.86
O TYC K . 17.60 -9.15 -6.21
CB TYC K . 15.22 -9.78 -3.84
CG TYC K . 14.70 -11.00 -3.12
CD1 TYC K . 13.60 -11.65 -3.57
CD2 TYC K . 15.42 -11.51 -1.88
CE1 TYC K . 13.09 -12.87 -2.84
CE2 TYC K . 14.96 -12.59 -1.24
OH TYC K . 13.28 -14.45 -1.07
CZ TYC K . 13.74 -13.30 -1.75
NXT TYC K . 15.78 -7.79 -6.05
H0 TYC K . 17.17 -11.16 -4.37
H TYC K . 16.14 -12.06 -4.95
HA TYC K . 14.97 -10.45 -5.77
HB1 TYC K . 15.95 -9.39 -3.33
HB2 TYC K . 14.49 -9.13 -3.95
HD1 TYC K . 13.14 -11.33 -4.36
HD2 TYC K . 16.21 -11.04 -1.57
HE1 TYC K . 12.30 -13.34 -3.17
HE2 TYC K . 15.43 -12.92 -0.44
HH TYC K . 13.97 -14.90 -0.75
HT21 TYC K . 14.92 -7.67 -5.78
HT22 TYC K . 16.23 -7.09 -6.43
H03 TYC K . 17.11 -11.38 -5.85
#